data_7U4I
#
_entry.id   7U4I
#
_cell.length_a   137.108
_cell.length_b   36.585
_cell.length_c   84.050
_cell.angle_alpha   90.000
_cell.angle_beta   115.450
_cell.angle_gamma   90.000
#
_symmetry.space_group_name_H-M   'C 1 2 1'
#
loop_
_entity.id
_entity.type
_entity.pdbx_description
1 polymer 'Phospholipid hydroperoxide glutathione peroxidase'
2 non-polymer 2-bromo-N-[(thiophen-2-yl)methyl]acetamide
3 non-polymer 'THIOCYANATE ION'
4 water water
#
_entity_poly.entity_id   1
_entity_poly.type   'polypeptide(L)'
_entity_poly.pdbx_seq_one_letter_code
;MGSSHHHHHHSSGLVPRGSHMLEAASRDDWRCARSMHEFSAKDIDGHMVNLDKYRGFVCIVTNVASQCGKTEVNYTQLVD
LHARYAECGLRILAFPCNQFGKQEPGSNEEIKEFAAGYNVKFDMFSKICVNGDDAHPLWKWMKIQPKGKGILGNAIKWNF
TKFLIDKNGCVVKHYGPMEEPLVIEKDLPHYF
;
_entity_poly.pdbx_strand_id   A,B
#
loop_
_chem_comp.id
_chem_comp.type
_chem_comp.name
_chem_comp.formula
L9U non-polymer 2-bromo-N-[(thiophen-2-yl)methyl]acetamide 'C7 H8 Br N O S'
SCN non-polymer 'THIOCYANATE ION' 'C N S -1'
#
# COMPACT_ATOMS: atom_id res chain seq x y z
N ASP A 29 -14.01 7.33 0.53
CA ASP A 29 -13.16 8.30 1.20
C ASP A 29 -12.21 7.61 2.20
N TRP A 30 -12.10 8.20 3.40
CA TRP A 30 -11.06 7.80 4.34
C TRP A 30 -11.30 6.40 4.89
N ARG A 31 -12.56 5.97 4.99
CA ARG A 31 -12.86 4.63 5.50
C ARG A 31 -12.22 3.55 4.64
N CYS A 32 -12.02 3.81 3.36
CA CYS A 32 -11.52 2.81 2.43
C CYS A 32 -10.00 2.73 2.40
N ALA A 33 -9.30 3.76 2.87
CA ALA A 33 -7.86 3.83 2.76
C ALA A 33 -7.20 2.62 3.42
N ARG A 34 -6.06 2.22 2.86
CA ARG A 34 -5.28 1.12 3.41
C ARG A 34 -3.93 1.57 3.96
N SER A 35 -3.53 2.82 3.69
CA SER A 35 -2.23 3.32 4.10
C SER A 35 -2.34 4.78 4.51
N MET A 36 -1.57 5.16 5.53
CA MET A 36 -1.39 6.57 5.85
C MET A 36 -0.90 7.36 4.62
N HIS A 37 -0.20 6.69 3.71
CA HIS A 37 0.39 7.39 2.56
C HIS A 37 -0.65 8.01 1.64
N GLU A 38 -1.93 7.64 1.76
CA GLU A 38 -2.95 8.20 0.91
C GLU A 38 -3.41 9.59 1.34
N PHE A 39 -3.00 10.05 2.52
CA PHE A 39 -3.51 11.29 3.09
C PHE A 39 -2.53 12.43 2.92
N SER A 40 -3.01 13.64 3.17
CA SER A 40 -2.22 14.87 3.14
C SER A 40 -2.60 15.72 4.35
N ALA A 41 -1.67 16.56 4.79
CA ALA A 41 -1.95 17.42 5.92
C ALA A 41 -1.14 18.71 5.81
N LYS A 42 -1.67 19.78 6.40
CA LYS A 42 -0.96 21.05 6.48
C LYS A 42 0.09 20.98 7.58
N ASP A 43 1.36 21.16 7.20
CA ASP A 43 2.41 21.28 8.22
C ASP A 43 2.18 22.55 9.03
N ILE A 44 2.95 22.68 10.10
CA ILE A 44 2.67 23.77 11.04
C ILE A 44 3.00 25.13 10.46
N ASP A 45 3.79 25.18 9.39
CA ASP A 45 4.08 26.45 8.72
C ASP A 45 3.03 26.81 7.68
N GLY A 46 2.04 25.94 7.47
CA GLY A 46 0.92 26.23 6.61
C GLY A 46 0.92 25.55 5.25
N HIS A 47 1.96 24.80 4.91
CA HIS A 47 2.08 24.23 3.56
C HIS A 47 1.59 22.78 3.53
N MET A 48 0.84 22.45 2.48
CA MET A 48 0.28 21.11 2.36
C MET A 48 1.38 20.09 2.13
N VAL A 49 1.30 18.97 2.85
CA VAL A 49 2.29 17.91 2.78
C VAL A 49 1.61 16.63 2.35
N ASN A 50 2.13 16.00 1.30
CA ASN A 50 1.66 14.68 0.90
C ASN A 50 2.34 13.64 1.77
N LEU A 51 1.55 12.92 2.59
CA LEU A 51 2.14 11.99 3.53
C LEU A 51 2.73 10.76 2.86
N ASP A 52 2.54 10.57 1.55
CA ASP A 52 3.24 9.49 0.89
C ASP A 52 4.76 9.70 0.89
N LYS A 53 5.24 10.89 1.26
CA LYS A 53 6.67 11.13 1.43
C LYS A 53 7.29 10.28 2.53
N TYR A 54 6.48 9.64 3.38
CA TYR A 54 6.95 8.78 4.45
C TYR A 54 6.94 7.29 4.07
N ARG A 55 6.70 6.97 2.80
CA ARG A 55 6.84 5.59 2.36
C ARG A 55 8.29 5.13 2.57
N GLY A 56 8.45 3.95 3.14
CA GLY A 56 9.76 3.44 3.49
C GLY A 56 10.22 3.80 4.89
N PHE A 57 9.54 4.71 5.58
CA PHE A 57 9.90 5.16 6.91
C PHE A 57 8.93 4.63 7.95
N VAL A 58 9.44 4.43 9.15
CA VAL A 58 8.62 3.99 10.28
C VAL A 58 8.25 5.23 11.08
N CYS A 59 6.97 5.40 11.36
CA CYS A 59 6.46 6.68 11.85
C CYS A 59 5.71 6.49 13.16
N ILE A 60 5.92 7.44 14.05
CA ILE A 60 5.08 7.63 15.23
C ILE A 60 4.19 8.84 14.93
N VAL A 61 2.88 8.63 14.93
CA VAL A 61 1.90 9.70 14.75
C VAL A 61 1.24 9.96 16.10
N THR A 62 1.31 11.20 16.57
CA THR A 62 0.83 11.51 17.92
C THR A 62 0.11 12.87 17.93
N ASN A 63 -0.88 13.01 18.82
CA ASN A 63 -1.55 14.28 19.01
C ASN A 63 -0.94 14.96 20.23
N VAL A 64 -0.51 16.21 20.08
CA VAL A 64 0.26 16.84 21.13
C VAL A 64 -0.49 18.05 21.67
N ALA A 65 -0.06 18.47 22.86
CA ALA A 65 -0.57 19.65 23.53
C ALA A 65 0.60 20.28 24.30
N SER A 66 0.49 21.57 24.57
CA SER A 66 1.57 22.32 25.22
C SER A 66 1.39 22.47 26.72
N GLN A 67 0.17 22.33 27.24
CA GLN A 67 -0.12 22.62 28.64
C GLN A 67 -0.76 21.43 29.34
N CYS A 68 -0.39 20.24 28.89
CA CYS A 68 -0.79 18.99 29.53
C CYS A 68 0.26 18.59 30.57
N GLY A 69 -0.20 17.86 31.58
CA GLY A 69 0.74 17.31 32.55
C GLY A 69 1.77 16.39 31.94
N LYS A 70 1.44 15.76 30.82
CA LYS A 70 2.39 14.84 30.20
C LYS A 70 3.13 15.48 29.04
N THR A 71 2.99 16.79 28.84
CA THR A 71 3.70 17.48 27.77
C THR A 71 5.21 17.27 27.88
N GLU A 72 5.76 17.44 29.09
CA GLU A 72 7.21 17.41 29.24
C GLU A 72 7.77 16.02 28.98
N VAL A 73 7.13 14.97 29.50
CA VAL A 73 7.68 13.65 29.29
C VAL A 73 7.55 13.25 27.83
N ASN A 74 6.46 13.65 27.17
CA ASN A 74 6.28 13.18 25.80
C ASN A 74 7.18 13.89 24.82
N TYR A 75 7.31 15.21 24.94
CA TYR A 75 8.19 15.94 24.04
C TYR A 75 9.62 15.48 24.20
N THR A 76 10.11 15.44 25.43
CA THR A 76 11.51 15.07 25.63
C THR A 76 11.80 13.66 25.11
N GLN A 77 10.88 12.70 25.36
CA GLN A 77 11.16 11.33 24.96
C GLN A 77 10.95 11.12 23.47
N LEU A 78 10.02 11.85 22.87
CA LEU A 78 9.89 11.82 21.42
C LEU A 78 11.11 12.44 20.75
N VAL A 79 11.66 13.49 21.34
CA VAL A 79 12.88 14.07 20.80
C VAL A 79 14.04 13.10 20.97
N ASP A 80 14.09 12.40 22.11
CA ASP A 80 15.13 11.40 22.34
C ASP A 80 15.02 10.25 21.36
N LEU A 81 13.82 9.69 21.20
CA LEU A 81 13.61 8.64 20.19
C LEU A 81 14.06 9.13 18.82
N HIS A 82 13.62 10.34 18.44
CA HIS A 82 13.99 10.88 17.14
C HIS A 82 15.50 11.06 17.01
N ALA A 83 16.15 11.57 18.06
CA ALA A 83 17.59 11.79 18.02
C ALA A 83 18.36 10.50 17.78
N ARG A 84 17.87 9.38 18.30
CA ARG A 84 18.59 8.12 18.22
C ARG A 84 18.17 7.22 17.06
N TYR A 85 16.96 7.38 16.52
CA TYR A 85 16.50 6.48 15.46
C TYR A 85 16.14 7.15 14.14
N ALA A 86 16.20 8.48 14.04
CA ALA A 86 15.90 9.12 12.76
C ALA A 86 16.86 8.66 11.68
N GLU A 87 18.14 8.46 12.02
CA GLU A 87 19.08 8.02 10.99
C GLU A 87 18.68 6.67 10.42
N CYS A 88 17.95 5.87 11.19
CA CYS A 88 17.43 4.57 10.74
C CYS A 88 16.09 4.66 10.03
N GLY A 89 15.49 5.83 9.93
CA GLY A 89 14.21 5.97 9.29
C GLY A 89 13.02 6.13 10.21
N LEU A 90 13.25 6.38 11.50
CA LEU A 90 12.16 6.78 12.38
C LEU A 90 11.72 8.19 12.04
N ARG A 91 10.41 8.40 11.87
CA ARG A 91 9.90 9.74 11.67
C ARG A 91 8.75 9.96 12.66
N ILE A 92 8.56 11.20 13.05
CA ILE A 92 7.53 11.52 14.03
C ILE A 92 6.67 12.63 13.48
N LEU A 93 5.37 12.39 13.41
CA LEU A 93 4.40 13.36 12.92
C LEU A 93 3.58 13.79 14.13
N ALA A 94 3.73 15.05 14.53
CA ALA A 94 3.04 15.57 15.70
C ALA A 94 1.94 16.53 15.27
N PHE A 95 0.70 16.18 15.61
CA PHE A 95 -0.48 17.00 15.32
C PHE A 95 -0.97 17.66 16.59
N PRO A 96 -0.87 18.98 16.70
CA PRO A 96 -1.49 19.66 17.84
C PRO A 96 -2.99 19.50 17.81
N CYS A 97 -3.60 19.50 19.00
CA CYS A 97 -5.03 19.30 19.14
C CYS A 97 -5.43 19.90 20.47
N ASN A 98 -6.46 20.74 20.46
CA ASN A 98 -6.94 21.44 21.64
C ASN A 98 -8.20 20.80 22.26
N GLN A 99 -8.56 19.59 21.85
CA GLN A 99 -9.80 18.95 22.30
C GLN A 99 -9.72 18.29 23.68
N PHE A 100 -8.58 18.32 24.37
CA PHE A 100 -8.47 17.57 25.63
C PHE A 100 -8.07 18.51 26.75
N GLY A 101 -9.08 18.91 27.53
CA GLY A 101 -8.89 19.93 28.54
C GLY A 101 -8.41 21.27 28.01
N LYS A 102 -8.57 21.52 26.71
CA LYS A 102 -8.17 22.79 26.09
C LYS A 102 -6.69 23.11 26.33
N GLN A 103 -5.84 22.10 26.23
CA GLN A 103 -4.45 22.21 26.62
C GLN A 103 -3.52 22.49 25.45
N GLU A 104 -4.08 22.86 24.31
CA GLU A 104 -3.32 23.39 23.18
C GLU A 104 -3.99 24.67 22.66
N PRO A 105 -4.18 25.68 23.53
CA PRO A 105 -5.00 26.82 23.14
C PRO A 105 -4.31 27.80 22.21
N GLY A 106 -3.00 27.66 21.96
CA GLY A 106 -2.27 28.67 21.21
C GLY A 106 -2.35 28.48 19.70
N SER A 107 -1.85 29.49 18.99
CA SER A 107 -1.83 29.43 17.53
C SER A 107 -0.71 28.52 17.04
N ASN A 108 -0.80 28.17 15.75
CA ASN A 108 0.21 27.34 15.10
C ASN A 108 1.61 27.93 15.26
N GLU A 109 1.73 29.26 15.26
CA GLU A 109 3.03 29.90 15.42
C GLU A 109 3.55 29.75 16.84
N GLU A 110 2.68 29.91 17.84
CA GLU A 110 3.12 29.77 19.22
C GLU A 110 3.49 28.32 19.52
N ILE A 111 2.85 27.37 18.83
CA ILE A 111 3.12 25.96 19.06
C ILE A 111 4.48 25.59 18.50
N LYS A 112 4.79 26.06 17.29
CA LYS A 112 6.08 25.82 16.67
C LYS A 112 7.21 26.40 17.50
N GLU A 113 7.01 27.58 18.08
CA GLU A 113 8.01 28.12 19.01
C GLU A 113 8.11 27.28 20.27
N PHE A 114 6.98 26.82 20.82
CA PHE A 114 7.02 25.97 22.01
C PHE A 114 7.85 24.72 21.77
N ALA A 115 7.65 24.07 20.62
CA ALA A 115 8.34 22.81 20.33
C ALA A 115 9.82 23.03 20.11
N ALA A 116 10.20 24.21 19.56
CA ALA A 116 11.60 24.52 19.36
C ALA A 116 12.38 24.56 20.66
N GLY A 117 11.72 24.95 21.76
CA GLY A 117 12.37 24.93 23.06
C GLY A 117 12.70 23.54 23.58
N TYR A 118 12.06 22.50 23.06
CA TYR A 118 12.44 21.12 23.33
C TYR A 118 13.37 20.56 22.26
N ASN A 119 13.77 21.40 21.30
CA ASN A 119 14.70 21.01 20.25
C ASN A 119 14.08 20.00 19.29
N VAL A 120 12.79 20.19 19.02
CA VAL A 120 12.09 19.28 18.14
C VAL A 120 12.62 19.46 16.72
N LYS A 121 13.07 18.37 16.12
CA LYS A 121 13.47 18.33 14.74
C LYS A 121 12.57 17.45 13.89
N PHE A 122 11.58 16.80 14.50
CA PHE A 122 10.63 15.99 13.74
C PHE A 122 9.54 16.90 13.19
N ASP A 123 8.53 16.31 12.56
CA ASP A 123 7.60 17.03 11.70
C ASP A 123 6.37 17.51 12.47
N MET A 124 6.22 18.84 12.58
CA MET A 124 5.07 19.45 13.25
C MET A 124 4.02 19.82 12.21
N PHE A 125 2.76 19.59 12.56
CA PHE A 125 1.65 19.87 11.65
C PHE A 125 0.78 20.95 12.25
N SER A 126 -0.07 21.53 11.41
CA SER A 126 -1.01 22.53 11.88
C SER A 126 -2.02 21.87 12.82
N LYS A 127 -2.51 22.65 13.78
CA LYS A 127 -3.49 22.17 14.75
C LYS A 127 -4.70 21.60 14.03
N ILE A 128 -5.20 20.47 14.54
CA ILE A 128 -6.35 19.77 13.96
C ILE A 128 -7.30 19.36 15.07
N CYS A 129 -8.42 18.76 14.68
CA CYS A 129 -9.25 17.96 15.57
C CYS A 129 -9.01 16.49 15.29
N VAL A 130 -8.98 15.69 16.35
CA VAL A 130 -8.78 14.24 16.19
C VAL A 130 -10.08 13.46 16.41
N ASN A 131 -11.07 14.06 17.05
CA ASN A 131 -12.40 13.49 17.25
C ASN A 131 -13.43 14.42 16.64
N GLY A 132 -14.45 13.84 16.01
CA GLY A 132 -15.57 14.59 15.48
C GLY A 132 -15.65 14.49 13.97
N ASP A 133 -16.77 14.99 13.44
CA ASP A 133 -16.96 15.02 12.00
C ASP A 133 -15.95 15.93 11.31
N ASP A 134 -15.39 16.90 12.02
CA ASP A 134 -14.38 17.79 11.49
C ASP A 134 -12.97 17.29 11.72
N ALA A 135 -12.82 16.08 12.25
CA ALA A 135 -11.49 15.55 12.53
C ALA A 135 -10.73 15.34 11.24
N HIS A 136 -9.41 15.48 11.31
CA HIS A 136 -8.60 15.20 10.13
C HIS A 136 -8.81 13.76 9.68
N PRO A 137 -9.05 13.52 8.38
CA PRO A 137 -9.37 12.16 7.95
C PRO A 137 -8.30 11.15 8.26
N LEU A 138 -7.02 11.56 8.32
CA LEU A 138 -5.99 10.63 8.77
C LEU A 138 -6.35 10.04 10.12
N TRP A 139 -6.82 10.89 11.04
CA TRP A 139 -7.11 10.43 12.38
C TRP A 139 -8.39 9.59 12.42
N LYS A 140 -9.39 9.96 11.61
CA LYS A 140 -10.54 9.10 11.48
C LYS A 140 -10.13 7.69 11.06
N TRP A 141 -9.17 7.60 10.13
CA TRP A 141 -8.76 6.32 9.61
C TRP A 141 -7.94 5.53 10.63
N MET A 142 -6.96 6.17 11.26
CA MET A 142 -6.11 5.47 12.22
C MET A 142 -6.93 4.87 13.36
N LYS A 143 -7.97 5.58 13.82
CA LYS A 143 -8.73 5.13 14.97
C LYS A 143 -9.53 3.87 14.71
N ILE A 144 -9.80 3.53 13.44
CA ILE A 144 -10.57 2.34 13.14
C ILE A 144 -9.70 1.19 12.69
N GLN A 145 -8.37 1.33 12.70
CA GLN A 145 -7.53 0.23 12.26
C GLN A 145 -7.48 -0.87 13.32
N PRO A 146 -7.56 -2.15 12.92
CA PRO A 146 -7.65 -3.30 13.83
C PRO A 146 -6.48 -3.41 14.79
N GLY A 150 -14.38 -3.54 16.56
CA GLY A 150 -15.63 -3.00 17.06
C GLY A 150 -15.78 -1.51 16.77
N ILE A 151 -17.03 -1.03 16.76
CA ILE A 151 -17.28 0.35 16.36
C ILE A 151 -17.29 1.31 17.56
N LEU A 152 -17.64 0.85 18.75
CA LEU A 152 -17.70 1.73 19.90
C LEU A 152 -16.31 1.94 20.49
N GLY A 153 -16.09 3.16 21.02
CA GLY A 153 -14.95 3.39 21.91
C GLY A 153 -13.61 3.66 21.27
N ASN A 154 -13.56 3.99 19.98
CA ASN A 154 -12.30 4.27 19.31
C ASN A 154 -11.87 5.73 19.41
N ALA A 155 -12.67 6.58 20.06
CA ALA A 155 -12.31 7.99 20.13
C ALA A 155 -10.97 8.14 20.82
N ILE A 156 -10.21 9.15 20.39
CA ILE A 156 -8.97 9.48 21.08
C ILE A 156 -9.35 9.98 22.47
N LYS A 157 -8.60 9.56 23.46
CA LYS A 157 -9.08 9.76 24.81
C LYS A 157 -8.39 10.90 25.55
N TRP A 158 -7.14 11.20 25.20
CA TRP A 158 -6.48 12.37 25.79
C TRP A 158 -5.35 12.80 24.87
N ASN A 159 -4.62 13.82 25.32
CA ASN A 159 -3.40 14.23 24.64
C ASN A 159 -2.39 13.09 24.62
N PHE A 160 -1.62 13.04 23.54
CA PHE A 160 -0.45 12.18 23.42
C PHE A 160 -0.81 10.71 23.30
N THR A 161 -1.82 10.41 22.50
CA THR A 161 -1.97 9.08 21.96
C THR A 161 -0.91 8.90 20.86
N LYS A 162 -0.35 7.69 20.76
CA LYS A 162 0.70 7.41 19.78
C LYS A 162 0.29 6.21 18.94
N PHE A 163 0.29 6.39 17.62
CA PHE A 163 0.13 5.29 16.67
C PHE A 163 1.48 5.00 16.03
N LEU A 164 1.88 3.72 15.98
CA LEU A 164 3.07 3.29 15.25
C LEU A 164 2.66 2.81 13.87
N ILE A 165 3.27 3.42 12.85
CA ILE A 165 2.99 3.16 11.44
C ILE A 165 4.20 2.49 10.82
N ASP A 166 3.98 1.43 10.04
CA ASP A 166 5.09 0.72 9.42
C ASP A 166 5.45 1.37 8.08
N LYS A 167 6.43 0.78 7.38
CA LYS A 167 6.97 1.41 6.19
C LYS A 167 5.97 1.45 5.05
N ASN A 168 4.96 0.57 5.07
CA ASN A 168 3.92 0.57 4.07
C ASN A 168 2.76 1.49 4.43
N GLY A 169 2.84 2.15 5.58
CA GLY A 169 1.80 3.08 6.00
C GLY A 169 0.68 2.46 6.80
N CYS A 170 0.86 1.24 7.30
CA CYS A 170 -0.15 0.55 8.08
C CYS A 170 0.02 0.84 9.57
N VAL A 171 -1.10 0.97 10.27
CA VAL A 171 -1.10 1.07 11.72
C VAL A 171 -0.80 -0.31 12.29
N VAL A 172 0.26 -0.42 13.06
CA VAL A 172 0.61 -1.70 13.65
C VAL A 172 0.58 -1.69 15.17
N LYS A 173 0.60 -0.52 15.81
CA LYS A 173 0.39 -0.53 17.25
C LYS A 173 -0.16 0.82 17.69
N HIS A 174 -0.87 0.79 18.81
CA HIS A 174 -1.42 1.99 19.43
C HIS A 174 -0.96 1.99 20.89
N TYR A 175 -0.42 3.13 21.32
CA TYR A 175 -0.04 3.34 22.71
C TYR A 175 -0.85 4.51 23.24
N GLY A 176 -1.58 4.29 24.31
CA GLY A 176 -2.42 5.32 24.88
C GLY A 176 -1.65 6.43 25.56
N PRO A 177 -2.39 7.47 25.93
CA PRO A 177 -1.78 8.63 26.60
C PRO A 177 -1.05 8.31 27.89
N MET A 178 -1.24 7.13 28.48
CA MET A 178 -0.48 6.74 29.66
C MET A 178 0.86 6.13 29.32
N GLU A 179 1.05 5.68 28.07
CA GLU A 179 2.30 5.05 27.67
C GLU A 179 3.34 6.13 27.33
N GLU A 180 4.43 6.15 28.08
CA GLU A 180 5.52 7.05 27.75
C GLU A 180 6.16 6.63 26.43
N PRO A 181 6.55 7.57 25.58
CA PRO A 181 7.08 7.19 24.26
C PRO A 181 8.22 6.17 24.29
N LEU A 182 9.06 6.14 25.32
CA LEU A 182 10.18 5.20 25.33
C LEU A 182 9.72 3.74 25.47
N VAL A 183 8.46 3.52 25.85
CA VAL A 183 7.87 2.18 25.79
C VAL A 183 7.89 1.66 24.36
N ILE A 184 7.72 2.54 23.37
CA ILE A 184 7.69 2.17 21.96
C ILE A 184 9.01 1.58 21.49
N GLU A 185 10.11 1.93 22.17
CA GLU A 185 11.44 1.63 21.65
C GLU A 185 11.63 0.14 21.39
N LYS A 186 11.19 -0.70 22.33
CA LYS A 186 11.40 -2.15 22.19
C LYS A 186 10.59 -2.77 21.05
N ASP A 187 9.52 -2.10 20.59
CA ASP A 187 8.76 -2.62 19.46
C ASP A 187 9.35 -2.22 18.12
N LEU A 188 10.17 -1.17 18.09
CA LEU A 188 10.67 -0.64 16.83
C LEU A 188 11.41 -1.66 15.97
N PRO A 189 12.29 -2.53 16.51
CA PRO A 189 13.04 -3.43 15.61
C PRO A 189 12.15 -4.26 14.70
N HIS A 190 10.99 -4.70 15.19
CA HIS A 190 10.09 -5.55 14.41
C HIS A 190 9.65 -4.90 13.10
N TYR A 191 9.84 -3.60 12.93
CA TYR A 191 9.32 -2.89 11.77
C TYR A 191 10.39 -2.15 10.99
N PHE A 192 11.61 -2.06 11.49
CA PHE A 192 12.70 -1.46 10.73
C PHE A 192 13.18 -2.40 9.63
N ASP B 28 -17.18 -7.98 -1.51
CA ASP B 28 -17.09 -6.85 -2.44
C ASP B 28 -16.01 -5.86 -2.01
N ASP B 29 -15.14 -6.28 -1.08
CA ASP B 29 -14.04 -5.42 -0.63
C ASP B 29 -13.15 -5.00 -1.79
N TRP B 30 -13.11 -5.80 -2.86
CA TRP B 30 -12.13 -5.59 -3.92
C TRP B 30 -12.23 -4.20 -4.54
N ARG B 31 -13.41 -3.57 -4.46
CA ARG B 31 -13.63 -2.33 -5.19
C ARG B 31 -12.79 -1.17 -4.68
N CYS B 32 -12.48 -1.15 -3.40
CA CYS B 32 -11.68 -0.05 -2.87
C CYS B 32 -10.28 -0.48 -2.46
N ALA B 33 -9.83 -1.67 -2.86
CA ALA B 33 -8.42 -2.01 -2.70
C ALA B 33 -7.55 -0.98 -3.41
N ARG B 34 -6.33 -0.78 -2.89
CA ARG B 34 -5.39 0.15 -3.50
C ARG B 34 -4.21 -0.54 -4.15
N SER B 35 -4.04 -1.85 -3.94
CA SER B 35 -2.82 -2.51 -4.36
C SER B 35 -3.11 -3.96 -4.70
N MET B 36 -2.42 -4.47 -5.73
CA MET B 36 -2.39 -5.91 -5.97
C MET B 36 -2.05 -6.69 -4.71
N HIS B 37 -1.23 -6.10 -3.82
CA HIS B 37 -0.69 -6.79 -2.66
C HIS B 37 -1.75 -7.22 -1.64
N GLU B 38 -2.99 -6.76 -1.80
CA GLU B 38 -4.05 -7.15 -0.88
C GLU B 38 -4.71 -8.48 -1.26
N PHE B 39 -4.40 -9.04 -2.42
CA PHE B 39 -5.13 -10.20 -2.91
C PHE B 39 -4.30 -11.47 -2.76
N SER B 40 -4.99 -12.61 -2.87
CA SER B 40 -4.41 -13.94 -2.80
C SER B 40 -4.91 -14.74 -3.99
N ALA B 41 -4.10 -15.69 -4.44
CA ALA B 41 -4.53 -16.54 -5.54
C ALA B 41 -3.86 -17.90 -5.42
N LYS B 42 -4.56 -18.92 -5.90
CA LYS B 42 -4.00 -20.25 -5.98
C LYS B 42 -3.01 -20.34 -7.13
N ASP B 43 -1.79 -20.81 -6.84
CA ASP B 43 -0.87 -21.09 -7.92
C ASP B 43 -1.32 -22.34 -8.67
N ILE B 44 -0.64 -22.64 -9.77
CA ILE B 44 -1.11 -23.69 -10.64
C ILE B 44 -0.95 -25.07 -9.99
N ASP B 45 -0.20 -25.15 -8.89
CA ASP B 45 -0.05 -26.38 -8.13
C ASP B 45 -1.12 -26.56 -7.07
N GLY B 46 -2.01 -25.59 -6.90
CA GLY B 46 -3.07 -25.66 -5.92
C GLY B 46 -2.83 -24.91 -4.63
N HIS B 47 -1.63 -24.36 -4.44
CA HIS B 47 -1.30 -23.70 -3.17
C HIS B 47 -1.63 -22.21 -3.20
N MET B 48 -2.18 -21.72 -2.08
CA MET B 48 -2.55 -20.33 -1.98
C MET B 48 -1.32 -19.45 -1.85
N VAL B 49 -1.31 -18.33 -2.56
CA VAL B 49 -0.18 -17.40 -2.60
C VAL B 49 -0.70 -16.03 -2.20
N ASN B 50 -0.16 -15.46 -1.13
CA ASN B 50 -0.40 -14.06 -0.82
C ASN B 50 0.41 -13.21 -1.79
N LEU B 51 -0.27 -12.33 -2.53
CA LEU B 51 0.42 -11.55 -3.53
C LEU B 51 1.21 -10.38 -2.94
N ASP B 52 1.14 -10.14 -1.63
CA ASP B 52 2.05 -9.13 -1.10
C ASP B 52 3.51 -9.59 -1.12
N LYS B 53 3.77 -10.87 -1.44
CA LYS B 53 5.14 -11.28 -1.69
C LYS B 53 5.75 -10.56 -2.89
N TYR B 54 4.94 -9.89 -3.70
CA TYR B 54 5.45 -9.13 -4.84
C TYR B 54 5.70 -7.68 -4.51
N ARG B 55 5.62 -7.29 -3.24
CA ARG B 55 5.98 -5.93 -2.86
C ARG B 55 7.46 -5.70 -3.15
N GLY B 56 7.77 -4.57 -3.78
CA GLY B 56 9.11 -4.25 -4.20
C GLY B 56 9.47 -4.74 -5.59
N PHE B 57 8.58 -5.46 -6.26
CA PHE B 57 8.84 -6.03 -7.57
C PHE B 57 7.89 -5.43 -8.60
N VAL B 58 8.38 -5.29 -9.83
CA VAL B 58 7.55 -4.84 -10.95
C VAL B 58 6.95 -6.06 -11.60
N CYS B 59 5.63 -6.05 -11.81
CA CYS B 59 4.93 -7.26 -12.21
C CYS B 59 4.15 -7.03 -13.50
N ILE B 60 4.16 -8.06 -14.34
CA ILE B 60 3.26 -8.16 -15.49
C ILE B 60 2.23 -9.21 -15.14
N VAL B 61 0.95 -8.82 -15.14
CA VAL B 61 -0.14 -9.75 -14.87
C VAL B 61 -0.90 -9.98 -16.18
N THR B 62 -1.00 -11.24 -16.60
CA THR B 62 -1.61 -11.53 -17.90
C THR B 62 -2.51 -12.75 -17.79
N ASN B 63 -3.56 -12.78 -18.60
CA ASN B 63 -4.40 -13.97 -18.74
C ASN B 63 -3.92 -14.75 -19.95
N VAL B 64 -3.71 -16.05 -19.80
CA VAL B 64 -3.07 -16.80 -20.86
C VAL B 64 -4.00 -17.92 -21.35
N ALA B 65 -3.67 -18.42 -22.53
CA ALA B 65 -4.36 -19.54 -23.15
C ALA B 65 -3.34 -20.37 -23.92
N SER B 66 -3.65 -21.65 -24.13
CA SER B 66 -2.71 -22.55 -24.80
C SER B 66 -3.00 -22.74 -26.28
N GLN B 67 -4.22 -22.49 -26.73
CA GLN B 67 -4.61 -22.81 -28.10
C GLN B 67 -5.08 -21.57 -28.84
N CYS B 68 -4.48 -20.43 -28.50
CA CYS B 68 -4.78 -19.17 -29.15
C CYS B 68 -3.74 -18.91 -30.24
N GLY B 69 -4.13 -18.11 -31.23
CA GLY B 69 -3.20 -17.71 -32.27
C GLY B 69 -2.03 -16.91 -31.76
N LYS B 70 -2.17 -16.24 -30.62
CA LYS B 70 -1.04 -15.47 -30.10
C LYS B 70 -0.34 -16.17 -28.95
N THR B 71 -0.68 -17.43 -28.66
CA THR B 71 0.00 -18.20 -27.61
C THR B 71 1.51 -18.22 -27.82
N GLU B 72 1.95 -18.53 -29.04
CA GLU B 72 3.37 -18.69 -29.32
C GLU B 72 4.15 -17.40 -29.07
N VAL B 73 3.68 -16.27 -29.63
CA VAL B 73 4.41 -15.02 -29.47
C VAL B 73 4.38 -14.56 -28.02
N ASN B 74 3.26 -14.77 -27.33
CA ASN B 74 3.16 -14.22 -25.98
C ASN B 74 4.01 -15.00 -25.00
N TYR B 75 3.94 -16.33 -25.06
CA TYR B 75 4.79 -17.12 -24.19
C TYR B 75 6.25 -16.87 -24.47
N THR B 76 6.67 -16.94 -25.74
CA THR B 76 8.08 -16.75 -26.01
C THR B 76 8.57 -15.39 -25.54
N GLN B 77 7.79 -14.33 -25.78
CA GLN B 77 8.27 -12.99 -25.43
C GLN B 77 8.17 -12.71 -23.94
N LEU B 78 7.20 -13.30 -23.24
CA LEU B 78 7.16 -13.18 -21.79
C LEU B 78 8.31 -13.95 -21.15
N VAL B 79 8.67 -15.10 -21.73
CA VAL B 79 9.84 -15.82 -21.25
C VAL B 79 11.10 -15.00 -21.51
N ASP B 80 11.16 -14.34 -22.66
CA ASP B 80 12.32 -13.50 -22.96
C ASP B 80 12.42 -12.30 -22.01
N LEU B 81 11.31 -11.59 -21.79
CA LEU B 81 11.32 -10.50 -20.82
C LEU B 81 11.81 -10.98 -19.46
N HIS B 82 11.25 -12.09 -19.00
CA HIS B 82 11.61 -12.61 -17.69
C HIS B 82 13.09 -13.03 -17.63
N ALA B 83 13.60 -13.62 -18.71
CA ALA B 83 15.01 -14.02 -18.73
C ALA B 83 15.95 -12.83 -18.62
N ARG B 84 15.58 -11.70 -19.20
CA ARG B 84 16.43 -10.51 -19.23
C ARG B 84 16.25 -9.61 -18.01
N TYR B 85 15.07 -9.61 -17.37
CA TYR B 85 14.77 -8.64 -16.32
C TYR B 85 14.33 -9.20 -14.97
N ALA B 86 14.15 -10.51 -14.82
CA ALA B 86 13.87 -11.06 -13.49
C ALA B 86 14.96 -10.69 -12.49
N GLU B 87 16.23 -10.61 -12.91
CA GLU B 87 17.26 -10.25 -11.95
C GLU B 87 17.13 -8.80 -11.47
N CYS B 88 16.39 -7.97 -12.20
CA CYS B 88 16.12 -6.59 -11.79
C CYS B 88 14.85 -6.43 -10.98
N GLY B 89 14.06 -7.49 -10.83
CA GLY B 89 12.82 -7.42 -10.09
C GLY B 89 11.57 -7.57 -10.93
N LEU B 90 11.68 -7.88 -12.22
CA LEU B 90 10.48 -8.16 -13.01
C LEU B 90 9.92 -9.52 -12.62
N ARG B 91 8.62 -9.57 -12.34
CA ARG B 91 7.94 -10.82 -12.10
C ARG B 91 6.76 -10.90 -13.05
N ILE B 92 6.40 -12.11 -13.45
CA ILE B 92 5.26 -12.29 -14.33
C ILE B 92 4.29 -13.24 -13.66
N LEU B 93 3.03 -12.82 -13.59
CA LEU B 93 1.95 -13.62 -13.01
C LEU B 93 1.01 -14.03 -14.14
N ALA B 94 0.97 -15.30 -14.48
CA ALA B 94 0.15 -15.76 -15.59
C ALA B 94 -1.05 -16.52 -15.07
N PHE B 95 -2.24 -16.04 -15.41
CA PHE B 95 -3.50 -16.67 -15.03
C PHE B 95 -4.14 -17.32 -16.25
N PRO B 96 -4.21 -18.65 -16.33
CA PRO B 96 -4.95 -19.27 -17.43
C PRO B 96 -6.44 -18.94 -17.32
N CYS B 97 -7.09 -18.88 -18.48
CA CYS B 97 -8.49 -18.49 -18.53
C CYS B 97 -9.08 -19.05 -19.81
N ASN B 98 -10.23 -19.71 -19.70
CA ASN B 98 -10.84 -20.38 -20.84
C ASN B 98 -12.05 -19.62 -21.42
N GLN B 99 -12.19 -18.33 -21.13
CA GLN B 99 -13.35 -17.55 -21.55
C GLN B 99 -13.26 -16.97 -22.95
N PHE B 100 -12.15 -17.16 -23.66
CA PHE B 100 -11.97 -16.48 -24.94
C PHE B 100 -11.79 -17.51 -26.04
N GLY B 101 -12.90 -17.85 -26.68
CA GLY B 101 -12.87 -18.87 -27.71
C GLY B 101 -12.56 -20.25 -27.19
N LYS B 102 -12.65 -20.45 -25.87
CA LYS B 102 -12.40 -21.74 -25.23
C LYS B 102 -11.01 -22.27 -25.57
N GLN B 103 -10.03 -21.40 -25.45
CA GLN B 103 -8.69 -21.69 -25.91
C GLN B 103 -7.74 -22.08 -24.78
N GLU B 104 -8.27 -22.27 -23.57
CA GLU B 104 -7.51 -22.90 -22.47
C GLU B 104 -8.33 -24.05 -21.89
N PRO B 105 -8.67 -25.05 -22.71
CA PRO B 105 -9.64 -26.06 -22.25
C PRO B 105 -9.07 -27.09 -21.30
N GLY B 106 -7.74 -27.19 -21.14
CA GLY B 106 -7.16 -28.27 -20.36
C GLY B 106 -7.11 -27.99 -18.87
N SER B 107 -6.79 -29.04 -18.13
CA SER B 107 -6.63 -28.97 -16.68
C SER B 107 -5.39 -28.15 -16.31
N ASN B 108 -5.31 -27.78 -15.03
CA ASN B 108 -4.16 -27.06 -14.52
C ASN B 108 -2.86 -27.83 -14.71
N GLU B 109 -2.90 -29.16 -14.52
CA GLU B 109 -1.67 -29.91 -14.71
C GLU B 109 -1.28 -29.96 -16.17
N GLU B 110 -2.25 -30.01 -17.09
CA GLU B 110 -1.91 -29.90 -18.51
C GLU B 110 -1.31 -28.55 -18.84
N ILE B 111 -1.85 -27.48 -18.25
CA ILE B 111 -1.39 -26.13 -18.53
C ILE B 111 0.04 -25.94 -18.02
N LYS B 112 0.36 -26.54 -16.88
CA LYS B 112 1.69 -26.43 -16.31
C LYS B 112 2.73 -27.12 -17.19
N GLU B 113 2.38 -28.25 -17.79
CA GLU B 113 3.31 -28.92 -18.69
C GLU B 113 3.43 -28.17 -20.02
N PHE B 114 2.32 -27.63 -20.51
CA PHE B 114 2.39 -26.80 -21.71
C PHE B 114 3.38 -25.66 -21.52
N ALA B 115 3.30 -24.97 -20.37
CA ALA B 115 4.19 -23.85 -20.08
C ALA B 115 5.64 -24.31 -20.05
N ALA B 116 5.88 -25.47 -19.45
CA ALA B 116 7.23 -26.00 -19.31
C ALA B 116 7.94 -26.10 -20.64
N GLY B 117 7.20 -26.42 -21.70
CA GLY B 117 7.80 -26.51 -23.02
C GLY B 117 8.24 -25.18 -23.61
N TYR B 118 7.71 -24.06 -23.09
CA TYR B 118 8.25 -22.75 -23.44
C TYR B 118 9.34 -22.29 -22.49
N ASN B 119 9.76 -23.16 -21.57
CA ASN B 119 10.78 -22.83 -20.56
C ASN B 119 10.30 -21.71 -19.66
N VAL B 120 9.02 -21.75 -19.31
CA VAL B 120 8.45 -20.75 -18.42
C VAL B 120 9.02 -20.97 -17.03
N LYS B 121 9.68 -19.94 -16.50
CA LYS B 121 10.14 -19.93 -15.11
C LYS B 121 9.40 -18.91 -14.26
N PHE B 122 8.47 -18.14 -14.82
CA PHE B 122 7.72 -17.17 -14.03
C PHE B 122 6.54 -17.87 -13.37
N ASP B 123 5.65 -17.12 -12.71
CA ASP B 123 4.70 -17.71 -11.78
C ASP B 123 3.38 -18.00 -12.48
N MET B 124 3.00 -19.28 -12.50
CA MET B 124 1.76 -19.71 -13.11
C MET B 124 0.74 -19.95 -12.02
N PHE B 125 -0.50 -19.55 -12.27
CA PHE B 125 -1.56 -19.67 -11.30
C PHE B 125 -2.61 -20.64 -11.83
N SER B 126 -3.50 -21.05 -10.95
CA SER B 126 -4.60 -21.89 -11.36
C SER B 126 -5.54 -21.14 -12.30
N LYS B 127 -6.15 -21.89 -13.21
CA LYS B 127 -7.12 -21.33 -14.15
C LYS B 127 -8.22 -20.57 -13.41
N ILE B 128 -8.58 -19.39 -13.91
CA ILE B 128 -9.60 -18.52 -13.31
C ILE B 128 -10.55 -18.04 -14.39
N CYS B 129 -11.59 -17.35 -13.95
CA CYS B 129 -12.34 -16.43 -14.81
C CYS B 129 -11.84 -15.01 -14.59
N VAL B 130 -11.79 -14.23 -15.66
CA VAL B 130 -11.40 -12.84 -15.57
C VAL B 130 -12.59 -11.90 -15.72
N ASN B 131 -13.66 -12.35 -16.35
CA ASN B 131 -14.90 -11.59 -16.52
C ASN B 131 -16.03 -12.36 -15.84
N GLY B 132 -16.88 -11.64 -15.14
CA GLY B 132 -18.05 -12.23 -14.51
C GLY B 132 -18.04 -12.03 -13.01
N ASP B 133 -19.19 -12.33 -12.41
CA ASP B 133 -19.27 -12.21 -10.96
C ASP B 133 -18.42 -13.27 -10.26
N ASP B 134 -18.07 -14.34 -10.97
CA ASP B 134 -17.14 -15.36 -10.50
C ASP B 134 -15.70 -15.08 -10.87
N ALA B 135 -15.42 -13.93 -11.46
CA ALA B 135 -14.05 -13.60 -11.82
C ALA B 135 -13.20 -13.46 -10.56
N HIS B 136 -11.90 -13.69 -10.71
CA HIS B 136 -11.00 -13.51 -9.58
C HIS B 136 -11.04 -12.05 -9.14
N PRO B 137 -11.14 -11.78 -7.83
CA PRO B 137 -11.25 -10.38 -7.38
C PRO B 137 -10.07 -9.51 -7.79
N LEU B 138 -8.87 -10.08 -7.89
CA LEU B 138 -7.75 -9.28 -8.39
C LEU B 138 -8.06 -8.73 -9.77
N TRP B 139 -8.64 -9.57 -10.63
CA TRP B 139 -8.95 -9.13 -11.98
C TRP B 139 -10.11 -8.16 -12.01
N LYS B 140 -11.11 -8.38 -11.16
CA LYS B 140 -12.14 -7.37 -10.99
C LYS B 140 -11.53 -6.02 -10.66
N TRP B 141 -10.53 -6.02 -9.77
CA TRP B 141 -9.93 -4.76 -9.34
C TRP B 141 -9.07 -4.13 -10.45
N MET B 142 -8.22 -4.93 -11.09
CA MET B 142 -7.33 -4.35 -12.11
C MET B 142 -8.12 -3.69 -13.23
N LYS B 143 -9.28 -4.26 -13.57
CA LYS B 143 -10.05 -3.77 -14.71
C LYS B 143 -10.65 -2.39 -14.47
N ILE B 144 -10.80 -1.95 -13.23
CA ILE B 144 -11.39 -0.66 -12.94
C ILE B 144 -10.34 0.40 -12.58
N GLN B 145 -9.06 0.06 -12.68
CA GLN B 145 -8.03 1.02 -12.32
C GLN B 145 -7.90 2.08 -13.40
N PRO B 146 -7.84 3.36 -13.04
CA PRO B 146 -7.96 4.48 -13.98
C PRO B 146 -6.71 4.65 -14.82
N GLY B 150 -14.17 5.19 -17.04
CA GLY B 150 -15.60 4.97 -16.98
C GLY B 150 -16.01 3.58 -16.54
N ILE B 151 -17.32 3.37 -16.37
CA ILE B 151 -17.82 2.08 -15.90
C ILE B 151 -18.07 1.08 -17.03
N LEU B 152 -18.34 1.55 -18.25
CA LEU B 152 -18.65 0.65 -19.35
C LEU B 152 -17.39 0.17 -20.04
N GLY B 153 -17.41 -1.07 -20.50
CA GLY B 153 -16.42 -1.56 -21.43
C GLY B 153 -15.06 -1.86 -20.86
N ASN B 154 -14.99 -2.28 -19.60
CA ASN B 154 -13.71 -2.65 -18.98
C ASN B 154 -13.46 -4.14 -19.02
N ALA B 155 -14.37 -4.91 -19.61
CA ALA B 155 -14.21 -6.35 -19.64
C ALA B 155 -12.92 -6.71 -20.36
N ILE B 156 -12.29 -7.81 -19.94
CA ILE B 156 -11.16 -8.32 -20.69
C ILE B 156 -11.68 -8.77 -22.04
N LYS B 157 -10.94 -8.48 -23.09
CA LYS B 157 -11.52 -8.68 -24.41
C LYS B 157 -11.01 -9.92 -25.12
N TRP B 158 -9.82 -10.40 -24.80
CA TRP B 158 -9.33 -11.65 -25.38
C TRP B 158 -8.22 -12.18 -24.48
N ASN B 159 -7.67 -13.31 -24.90
CA ASN B 159 -6.48 -13.88 -24.29
C ASN B 159 -5.33 -12.90 -24.37
N PHE B 160 -4.50 -12.87 -23.33
CA PHE B 160 -3.23 -12.17 -23.31
C PHE B 160 -3.40 -10.64 -23.24
N THR B 161 -4.30 -10.20 -22.38
CA THR B 161 -4.24 -8.84 -21.89
C THR B 161 -3.11 -8.79 -20.87
N LYS B 162 -2.38 -7.67 -20.83
CA LYS B 162 -1.27 -7.52 -19.89
C LYS B 162 -1.48 -6.26 -19.07
N PHE B 163 -1.44 -6.39 -17.75
CA PHE B 163 -1.35 -5.22 -16.87
C PHE B 163 0.06 -5.10 -16.31
N LEU B 164 0.61 -3.88 -16.30
CA LEU B 164 1.89 -3.61 -15.64
C LEU B 164 1.63 -3.04 -14.26
N ILE B 165 2.25 -3.64 -13.24
CA ILE B 165 2.06 -3.32 -11.83
C ILE B 165 3.38 -2.79 -11.28
N ASP B 166 3.34 -1.68 -10.55
CA ASP B 166 4.56 -1.09 -9.99
C ASP B 166 4.90 -1.76 -8.67
N LYS B 167 6.01 -1.32 -8.05
CA LYS B 167 6.50 -1.97 -6.85
C LYS B 167 5.55 -1.82 -5.68
N ASN B 168 4.66 -0.84 -5.72
CA ASN B 168 3.69 -0.61 -4.68
C ASN B 168 2.39 -1.35 -4.94
N GLY B 169 2.29 -2.03 -6.07
CA GLY B 169 1.12 -2.83 -6.39
C GLY B 169 0.02 -2.11 -7.13
N CYS B 170 0.30 -0.92 -7.67
CA CYS B 170 -0.68 -0.17 -8.44
C CYS B 170 -0.59 -0.54 -9.91
N VAL B 171 -1.75 -0.57 -10.58
CA VAL B 171 -1.76 -0.69 -12.03
C VAL B 171 -1.27 0.62 -12.63
N VAL B 172 -0.26 0.54 -13.47
CA VAL B 172 0.27 1.74 -14.11
C VAL B 172 0.12 1.70 -15.62
N LYS B 173 -0.04 0.54 -16.24
CA LYS B 173 -0.46 0.54 -17.64
C LYS B 173 -1.16 -0.76 -18.00
N HIS B 174 -1.87 -0.69 -19.11
CA HIS B 174 -2.60 -1.82 -19.67
C HIS B 174 -2.20 -1.97 -21.12
N TYR B 175 -1.86 -3.20 -21.54
CA TYR B 175 -1.56 -3.51 -22.93
C TYR B 175 -2.55 -4.57 -23.41
N GLY B 176 -3.27 -4.26 -24.47
CA GLY B 176 -4.29 -5.14 -24.98
C GLY B 176 -3.74 -6.41 -25.60
N PRO B 177 -4.66 -7.34 -25.88
CA PRO B 177 -4.25 -8.62 -26.50
C PRO B 177 -3.56 -8.45 -27.86
N MET B 178 -3.66 -7.31 -28.51
CA MET B 178 -2.93 -7.09 -29.75
C MET B 178 -1.49 -6.65 -29.51
N GLU B 179 -1.14 -6.24 -28.29
CA GLU B 179 0.20 -5.75 -28.00
C GLU B 179 1.11 -6.92 -27.66
N GLU B 180 2.19 -7.09 -28.43
CA GLU B 180 3.16 -8.11 -28.11
C GLU B 180 3.90 -7.74 -26.83
N PRO B 181 4.21 -8.72 -25.98
CA PRO B 181 4.86 -8.38 -24.69
C PRO B 181 6.11 -7.51 -24.82
N LEU B 182 6.88 -7.62 -25.89
CA LEU B 182 8.12 -6.86 -25.98
C LEU B 182 7.87 -5.36 -26.15
N VAL B 183 6.64 -4.96 -26.49
CA VAL B 183 6.27 -3.55 -26.48
C VAL B 183 6.37 -2.97 -25.07
N ILE B 184 6.21 -3.81 -24.04
CA ILE B 184 6.24 -3.32 -22.67
C ILE B 184 7.66 -2.89 -22.26
N GLU B 185 8.68 -3.42 -22.95
CA GLU B 185 10.05 -3.27 -22.49
C GLU B 185 10.46 -1.81 -22.34
N LYS B 186 10.08 -0.98 -23.32
CA LYS B 186 10.43 0.44 -23.25
C LYS B 186 9.81 1.15 -22.04
N ASP B 187 8.73 0.62 -21.48
CA ASP B 187 8.08 1.29 -20.36
C ASP B 187 8.64 0.87 -19.01
N LEU B 188 9.34 -0.25 -18.95
CA LEU B 188 9.84 -0.77 -17.68
C LEU B 188 10.74 0.19 -16.92
N PRO B 189 11.67 0.94 -17.54
CA PRO B 189 12.62 1.72 -16.74
C PRO B 189 11.95 2.79 -15.89
N HIS B 190 10.77 3.26 -16.28
CA HIS B 190 10.07 4.27 -15.48
C HIS B 190 9.63 3.73 -14.12
N TYR B 191 9.63 2.41 -13.93
CA TYR B 191 9.09 1.83 -12.70
C TYR B 191 10.09 0.97 -11.94
N PHE B 192 11.26 0.68 -12.51
CA PHE B 192 12.29 -0.05 -11.78
C PHE B 192 13.02 0.87 -10.81
C7 L9U C . 16.79 -1.51 9.53
C6 L9U C . 17.41 -2.46 10.36
S1 L9U C . 17.91 -0.27 9.30
C4 L9U C . 19.18 -0.89 10.23
C3 L9U C . 20.55 -0.26 10.46
C2 L9U C . 20.13 2.17 11.02
C1 L9U C . 20.18 3.33 12.02
C5 L9U C . 18.74 -2.12 10.75
N1 L9U C . 20.56 0.84 11.41
O1 L9U C . 19.76 2.35 9.90
S SCN D . -5.70 8.94 29.35
C SCN D . -6.57 7.45 28.83
N SCN D . -7.17 6.50 28.47
C7 L9U E . 16.40 -0.64 -10.65
C6 L9U E . 17.06 0.22 -11.54
S1 L9U E . 17.37 -2.01 -10.47
C4 L9U E . 18.63 -1.57 -11.51
C3 L9U E . 19.89 -2.37 -11.81
C2 L9U E . 19.12 -4.75 -12.22
C1 L9U E . 18.92 -5.94 -13.17
C5 L9U E . 18.31 -0.30 -12.02
N1 L9U E . 19.66 -3.48 -12.72
O1 L9U E . 18.85 -4.83 -11.07
S SCN F . -8.21 -8.62 -29.06
C SCN F . -8.95 -7.04 -28.66
N SCN F . -9.46 -6.01 -28.39
#